data_2NVD
#
_entry.id   2NVD
#
_cell.length_a   49.390
_cell.length_b   66.640
_cell.length_c   47.140
_cell.angle_alpha   90.00
_cell.angle_beta   91.88
_cell.angle_gamma   90.00
#
_symmetry.space_group_name_H-M   'P 1 21 1'
#
loop_
_entity.id
_entity.type
_entity.pdbx_description
1 polymer 'Aldose reductase'
2 non-polymer 'NADP NICOTINAMIDE-ADENINE-DINUCLEOTIDE PHOSPHATE'
3 non-polymer '2-(CARBOXYMETHYL)-1-OXO-1,2-DIHYDRONAPHTHO[1,2-D]ISOTHIAZOLE-4-CARBOXYLIC ACID 3,3-DIOXIDE'
4 water water
#
_entity_poly.entity_id   1
_entity_poly.type   'polypeptide(L)'
_entity_poly.pdbx_seq_one_letter_code
;MASRILLNNGAKMPILGLGTWKSPPGQVTEAVKVAIDVGYRHIDCAHVYQNENEVGVAIQEKLREQVVKREELFIVSKLW
CTYHEKGLVKGACQKTLSDLKLDYLDLYLIHWPTGFKPGKEFFPLDESGNVVPSDTNILDTWAAMEELVDEGLVKAIGIS
NFNHLQVEMILNKPGLKYKPAVNQIECHPYLTQEKLIQYCQSKGIVVTAYSPLGSPDRPWAKPEDPSLLEDPRIKAIAAK
HNKTTAQVLIRFPMQRNLVVIPKSVTPERIAENFKVFDFELSSQDMTTLLSYNRNWRVCALLSCTSHKDYPFHEEF
;
_entity_poly.pdbx_strand_id   A
#
loop_
_chem_comp.id
_chem_comp.type
_chem_comp.name
_chem_comp.formula
ITB non-polymer '2-(CARBOXYMETHYL)-1-OXO-1,2-DIHYDRONAPHTHO[1,2-D]ISOTHIAZOLE-4-CARBOXYLIC ACID 3,3-DIOXIDE' 'C14 H9 N O7 S'
NAP non-polymer 'NADP NICOTINAMIDE-ADENINE-DINUCLEOTIDE PHOSPHATE' 'C21 H28 N7 O17 P3'
#
# COMPACT_ATOMS: atom_id res chain seq x y z
N ALA A 2 0.55 1.88 20.99
CA ALA A 2 0.41 0.65 20.23
C ALA A 2 1.08 0.81 18.86
N SER A 3 1.94 -0.14 18.52
CA SER A 3 2.58 -0.16 17.23
C SER A 3 1.76 -0.92 16.18
N ARG A 4 0.63 -1.51 16.57
CA ARG A 4 -0.18 -2.22 15.59
C ARG A 4 -1.65 -1.83 15.74
N ILE A 5 -2.39 -2.04 14.67
CA ILE A 5 -3.82 -1.75 14.56
C ILE A 5 -4.53 -3.07 14.30
N LEU A 6 -5.67 -3.24 14.94
CA LEU A 6 -6.48 -4.44 14.84
C LEU A 6 -7.31 -4.35 13.55
N LEU A 7 -7.16 -5.36 12.73
CA LEU A 7 -7.97 -5.59 11.53
C LEU A 7 -9.27 -6.34 11.81
N ASN A 8 -10.21 -6.31 10.90
CA ASN A 8 -11.54 -6.89 11.08
C ASN A 8 -11.47 -8.40 10.90
N ASN A 9 -10.25 -8.92 10.69
CA ASN A 9 -10.10 -10.38 10.65
C ASN A 9 -9.47 -10.88 11.96
N GLY A 10 -9.30 -9.94 12.89
CA GLY A 10 -8.75 -10.20 14.17
C GLY A 10 -7.25 -10.12 14.31
N ALA A 11 -6.50 -9.99 13.22
CA ALA A 11 -5.04 -9.85 13.30
C ALA A 11 -4.59 -8.44 13.60
N LYS A 12 -3.38 -8.34 14.09
CA LYS A 12 -2.79 -7.02 14.41
C LYS A 12 -1.75 -6.65 13.39
N MET A 13 -1.90 -5.52 12.70
CA MET A 13 -1.04 -5.10 11.64
C MET A 13 -0.13 -3.95 12.04
N PRO A 14 1.17 -4.04 11.83
CA PRO A 14 2.03 -2.91 12.24
C PRO A 14 1.71 -1.66 11.44
N ILE A 15 1.56 -0.56 12.17
CA ILE A 15 1.17 0.68 11.52
C ILE A 15 2.31 1.31 10.74
N LEU A 16 3.55 0.84 10.85
CA LEU A 16 4.65 1.32 10.01
C LEU A 16 5.16 0.13 9.18
N GLY A 17 5.22 0.30 7.86
CA GLY A 17 5.82 -0.72 7.04
C GLY A 17 6.82 -0.09 6.09
N LEU A 18 7.58 -0.97 5.44
CA LEU A 18 8.54 -0.57 4.40
C LEU A 18 7.96 -0.74 3.01
N GLY A 19 7.91 0.32 2.21
CA GLY A 19 7.45 0.17 0.85
C GLY A 19 8.58 -0.29 -0.07
N THR A 20 8.20 -0.88 -1.21
CA THR A 20 9.21 -1.46 -2.11
C THR A 20 8.97 -1.14 -3.58
N TRP A 21 8.04 -0.24 -3.93
CA TRP A 21 7.89 0.18 -5.32
C TRP A 21 9.13 0.99 -5.69
N LYS A 22 9.69 0.68 -6.84
CA LYS A 22 10.92 1.30 -7.35
C LYS A 22 12.10 1.11 -6.45
N SER A 23 12.07 0.09 -5.60
CA SER A 23 13.28 -0.38 -4.92
C SER A 23 14.04 -1.27 -5.89
N PRO A 24 15.21 -0.84 -6.35
CA PRO A 24 15.87 -1.65 -7.37
C PRO A 24 16.23 -3.04 -6.83
N PRO A 25 16.11 -4.01 -7.73
CA PRO A 25 16.31 -5.38 -7.28
C PRO A 25 17.67 -5.60 -6.64
N GLY A 26 18.71 -4.92 -7.08
CA GLY A 26 20.02 -5.13 -6.45
C GLY A 26 20.22 -4.34 -5.19
N GLN A 27 19.20 -3.61 -4.78
CA GLN A 27 19.29 -2.87 -3.52
C GLN A 27 18.24 -3.29 -2.52
N VAL A 28 17.17 -3.93 -2.93
CA VAL A 28 16.05 -4.16 -2.03
C VAL A 28 16.32 -5.28 -1.05
N THR A 29 17.18 -6.25 -1.37
CA THR A 29 17.49 -7.28 -0.40
C THR A 29 18.16 -6.63 0.80
N GLU A 30 19.21 -5.83 0.57
CA GLU A 30 19.82 -5.12 1.71
C GLU A 30 18.81 -4.21 2.43
N ALA A 31 17.95 -3.50 1.67
CA ALA A 31 16.99 -2.58 2.29
C ALA A 31 16.08 -3.33 3.26
N VAL A 32 15.55 -4.47 2.85
CA VAL A 32 14.66 -5.25 3.73
C VAL A 32 15.40 -5.86 4.90
N LYS A 33 16.62 -6.32 4.67
CA LYS A 33 17.45 -6.82 5.77
C LYS A 33 17.68 -5.75 6.84
N VAL A 34 18.08 -4.55 6.43
CA VAL A 34 18.31 -3.44 7.32
C VAL A 34 17.02 -3.06 8.02
N ALA A 35 15.93 -3.00 7.27
CA ALA A 35 14.65 -2.66 7.89
C ALA A 35 14.29 -3.60 9.02
N ILE A 36 14.45 -4.90 8.75
CA ILE A 36 14.13 -5.89 9.80
C ILE A 36 15.08 -5.72 10.98
N ASP A 37 16.38 -5.47 10.74
CA ASP A 37 17.33 -5.28 11.82
C ASP A 37 16.98 -4.07 12.67
N VAL A 38 16.38 -3.03 12.08
CA VAL A 38 16.07 -1.85 12.88
C VAL A 38 14.66 -1.88 13.42
N GLY A 39 13.84 -2.87 13.14
CA GLY A 39 12.58 -2.96 13.85
C GLY A 39 11.37 -3.11 12.97
N TYR A 40 11.46 -2.90 11.67
CA TYR A 40 10.29 -3.07 10.87
C TYR A 40 9.85 -4.53 10.86
N ARG A 41 8.53 -4.67 10.89
CA ARG A 41 7.90 -5.99 10.83
C ARG A 41 6.86 -6.11 9.75
N HIS A 42 6.63 -5.08 8.98
CA HIS A 42 5.69 -5.00 7.90
C HIS A 42 6.43 -4.58 6.63
N ILE A 43 6.27 -5.38 5.57
CA ILE A 43 6.87 -5.07 4.26
C ILE A 43 5.73 -5.06 3.24
N ASP A 44 5.67 -3.98 2.46
CA ASP A 44 4.66 -3.88 1.41
C ASP A 44 5.24 -4.24 0.05
N CYS A 45 4.67 -5.23 -0.62
CA CYS A 45 5.22 -5.83 -1.81
C CYS A 45 4.20 -5.86 -2.95
N ALA A 46 4.62 -6.16 -4.16
CA ALA A 46 3.71 -6.44 -5.26
C ALA A 46 4.43 -7.13 -6.43
N HIS A 47 3.69 -8.06 -7.03
CA HIS A 47 4.26 -8.76 -8.19
C HIS A 47 4.68 -7.77 -9.27
N VAL A 48 3.91 -6.71 -9.50
CA VAL A 48 4.22 -5.78 -10.58
C VAL A 48 5.51 -5.02 -10.31
N TYR A 49 6.00 -5.01 -9.08
CA TYR A 49 7.24 -4.29 -8.81
C TYR A 49 8.50 -5.03 -9.30
N GLN A 50 8.36 -6.32 -9.60
CA GLN A 50 9.39 -7.14 -10.21
C GLN A 50 10.61 -7.34 -9.33
N ASN A 51 10.37 -7.28 -8.03
CA ASN A 51 11.46 -7.42 -7.06
C ASN A 51 11.13 -8.33 -5.86
N GLU A 52 10.01 -9.07 -6.00
CA GLU A 52 9.60 -9.91 -4.88
C GLU A 52 10.60 -11.02 -4.64
N ASN A 53 11.30 -11.53 -5.67
CA ASN A 53 12.27 -12.58 -5.35
C ASN A 53 13.32 -12.07 -4.40
N GLU A 54 13.79 -10.87 -4.65
CA GLU A 54 14.85 -10.24 -3.86
C GLU A 54 14.35 -9.83 -2.48
N VAL A 55 13.11 -9.37 -2.39
CA VAL A 55 12.51 -9.13 -1.07
C VAL A 55 12.53 -10.43 -0.29
N GLY A 56 12.13 -11.49 -0.94
CA GLY A 56 12.03 -12.79 -0.27
C GLY A 56 13.35 -13.32 0.22
N VAL A 57 14.43 -13.02 -0.53
CA VAL A 57 15.74 -13.46 -0.07
C VAL A 57 16.07 -12.83 1.28
N ALA A 58 15.74 -11.54 1.46
CA ALA A 58 15.99 -10.86 2.72
C ALA A 58 15.15 -11.43 3.86
N ILE A 59 13.85 -11.64 3.61
CA ILE A 59 12.97 -12.19 4.61
C ILE A 59 13.49 -13.56 5.03
N GLN A 60 13.82 -14.40 4.05
CA GLN A 60 14.27 -15.75 4.38
C GLN A 60 15.56 -15.75 5.16
N GLU A 61 16.53 -14.90 4.79
CA GLU A 61 17.76 -14.78 5.59
C GLU A 61 17.49 -14.37 7.02
N LYS A 62 16.60 -13.37 7.26
CA LYS A 62 16.37 -13.00 8.65
C LYS A 62 15.55 -14.01 9.44
N LEU A 63 14.65 -14.75 8.78
CA LEU A 63 14.04 -15.89 9.43
C LEU A 63 15.10 -16.93 9.80
N ARG A 64 15.98 -17.28 8.84
CA ARG A 64 16.99 -18.32 9.05
C ARG A 64 17.95 -17.95 10.19
N GLU A 65 18.30 -16.68 10.26
CA GLU A 65 19.16 -16.07 11.26
C GLU A 65 18.44 -15.96 12.61
N GLN A 66 17.14 -16.21 12.65
CA GLN A 66 16.35 -16.05 13.87
C GLN A 66 16.41 -14.60 14.39
N VAL A 67 16.49 -13.64 13.48
CA VAL A 67 16.30 -12.22 13.82
C VAL A 67 14.86 -11.91 14.14
N VAL A 68 13.96 -12.62 13.45
CA VAL A 68 12.53 -12.51 13.59
C VAL A 68 11.91 -13.89 13.36
N LYS A 69 10.72 -14.05 13.95
CA LYS A 69 9.89 -15.21 13.71
C LYS A 69 8.88 -14.91 12.65
N ARG A 70 8.46 -15.86 11.84
CA ARG A 70 7.47 -15.56 10.80
C ARG A 70 6.21 -14.95 11.39
N GLU A 71 5.76 -15.40 12.56
CA GLU A 71 4.58 -14.94 13.26
C GLU A 71 4.62 -13.43 13.50
N GLU A 72 5.83 -12.92 13.64
CA GLU A 72 6.02 -11.52 13.97
C GLU A 72 6.01 -10.60 12.75
N LEU A 73 6.23 -11.16 11.55
CA LEU A 73 6.21 -10.44 10.31
C LEU A 73 4.77 -10.28 9.81
N PHE A 74 4.61 -9.19 9.05
CA PHE A 74 3.34 -8.87 8.41
C PHE A 74 3.64 -8.56 6.95
N ILE A 75 3.45 -9.56 6.09
CA ILE A 75 3.88 -9.37 4.71
C ILE A 75 2.67 -9.20 3.83
N VAL A 76 2.72 -8.12 3.04
CA VAL A 76 1.60 -7.71 2.20
C VAL A 76 2.02 -7.79 0.75
N SER A 77 1.17 -8.35 -0.11
CA SER A 77 1.37 -8.25 -1.55
C SER A 77 0.05 -7.94 -2.20
N LYS A 78 0.08 -7.80 -3.53
CA LYS A 78 -1.03 -7.30 -4.32
C LYS A 78 -1.17 -8.07 -5.62
N LEU A 79 -2.41 -8.32 -5.98
CA LEU A 79 -2.81 -8.96 -7.24
C LEU A 79 -2.80 -7.95 -8.37
N TRP A 80 -2.00 -8.21 -9.39
CA TRP A 80 -1.91 -7.21 -10.47
C TRP A 80 -3.15 -7.27 -11.36
N CYS A 81 -3.45 -6.26 -12.13
CA CYS A 81 -4.60 -6.02 -12.99
C CYS A 81 -4.79 -7.10 -14.04
N THR A 82 -3.72 -7.74 -14.52
CA THR A 82 -3.90 -8.76 -15.55
C THR A 82 -4.22 -10.11 -14.97
N TYR A 83 -4.50 -10.19 -13.67
CA TYR A 83 -4.87 -11.45 -13.05
C TYR A 83 -6.20 -11.37 -12.34
N HIS A 84 -7.08 -10.47 -12.77
CA HIS A 84 -8.37 -10.43 -12.12
C HIS A 84 -9.31 -11.57 -12.47
N GLU A 85 -9.07 -12.29 -13.56
CA GLU A 85 -9.93 -13.43 -13.87
C GLU A 85 -9.93 -14.42 -12.72
N LYS A 86 -11.09 -15.01 -12.43
CA LYS A 86 -11.17 -15.92 -11.27
C LYS A 86 -10.16 -17.05 -11.33
N GLY A 87 -9.95 -17.57 -12.55
CA GLY A 87 -9.04 -18.70 -12.62
C GLY A 87 -7.57 -18.34 -12.61
N LEU A 88 -7.23 -17.06 -12.58
CA LEU A 88 -5.82 -16.64 -12.51
C LEU A 88 -5.40 -16.14 -11.13
N VAL A 89 -6.33 -15.89 -10.23
CA VAL A 89 -5.99 -15.31 -8.93
C VAL A 89 -5.14 -16.24 -8.08
N LYS A 90 -5.49 -17.52 -7.96
CA LYS A 90 -4.67 -18.38 -7.11
C LYS A 90 -3.25 -18.46 -7.62
N GLY A 91 -3.05 -18.64 -8.92
CA GLY A 91 -1.73 -18.75 -9.54
C GLY A 91 -0.88 -17.53 -9.27
N ALA A 92 -1.50 -16.36 -9.37
CA ALA A 92 -0.75 -15.11 -9.13
C ALA A 92 -0.29 -15.04 -7.69
N CYS A 93 -1.21 -15.43 -6.78
CA CYS A 93 -0.85 -15.48 -5.36
C CYS A 93 0.29 -16.45 -5.11
N GLN A 94 0.21 -17.61 -5.74
CA GLN A 94 1.22 -18.64 -5.56
C GLN A 94 2.59 -18.23 -6.08
N LYS A 95 2.61 -17.48 -7.16
CA LYS A 95 3.86 -16.94 -7.70
C LYS A 95 4.49 -15.96 -6.69
N THR A 96 3.68 -15.06 -6.16
CA THR A 96 4.15 -14.14 -5.12
C THR A 96 4.67 -14.92 -3.94
N LEU A 97 3.93 -15.96 -3.49
CA LEU A 97 4.39 -16.70 -2.31
C LEU A 97 5.75 -17.35 -2.58
N SER A 98 5.86 -17.92 -3.80
CA SER A 98 7.07 -18.61 -4.18
C SER A 98 8.26 -17.66 -4.19
N ASP A 99 8.06 -16.49 -4.78
CA ASP A 99 9.12 -15.48 -4.82
C ASP A 99 9.48 -14.99 -3.42
N LEU A 100 8.46 -14.75 -2.60
CA LEU A 100 8.74 -14.23 -1.26
C LEU A 100 9.28 -15.28 -0.30
N LYS A 101 9.24 -16.53 -0.71
CA LYS A 101 9.60 -17.75 0.02
C LYS A 101 8.81 -17.86 1.31
N LEU A 102 7.50 -17.69 1.14
CA LEU A 102 6.57 -17.81 2.25
C LEU A 102 5.51 -18.87 1.97
N ASP A 103 4.88 -19.35 3.04
CA ASP A 103 3.73 -20.25 2.83
C ASP A 103 2.40 -19.54 3.09
N TYR A 104 2.42 -18.29 3.50
CA TYR A 104 1.20 -17.51 3.56
C TYR A 104 1.59 -16.02 3.51
N LEU A 105 0.67 -15.20 3.05
CA LEU A 105 0.74 -13.77 3.17
C LEU A 105 -0.15 -13.32 4.32
N ASP A 106 0.25 -12.27 5.04
CA ASP A 106 -0.62 -11.73 6.04
C ASP A 106 -1.76 -10.93 5.43
N LEU A 107 -1.47 -10.29 4.29
CA LEU A 107 -2.53 -9.53 3.61
C LEU A 107 -2.33 -9.55 2.11
N TYR A 108 -3.38 -9.79 1.36
CA TYR A 108 -3.27 -9.75 -0.10
C TYR A 108 -4.33 -8.79 -0.62
N LEU A 109 -3.90 -7.79 -1.40
CA LEU A 109 -4.78 -6.76 -1.92
C LEU A 109 -5.04 -6.87 -3.41
N ILE A 110 -6.25 -6.49 -3.83
CA ILE A 110 -6.46 -6.20 -5.24
C ILE A 110 -5.77 -4.86 -5.55
N HIS A 111 -4.73 -4.86 -6.39
CA HIS A 111 -3.88 -3.67 -6.52
C HIS A 111 -4.60 -2.43 -7.03
N TRP A 112 -5.48 -2.67 -8.00
CA TRP A 112 -6.36 -1.64 -8.57
C TRP A 112 -7.71 -2.24 -8.88
N PRO A 113 -8.77 -1.46 -8.87
CA PRO A 113 -10.08 -2.02 -9.22
C PRO A 113 -10.23 -2.39 -10.70
N THR A 114 -9.35 -1.89 -11.54
CA THR A 114 -9.37 -2.12 -12.96
C THR A 114 -8.71 -3.41 -13.38
N GLY A 115 -9.46 -4.31 -14.02
CA GLY A 115 -8.91 -5.51 -14.61
C GLY A 115 -8.46 -5.27 -16.04
N PHE A 116 -7.30 -5.84 -16.38
CA PHE A 116 -6.73 -5.79 -17.71
C PHE A 116 -6.71 -7.16 -18.38
N LYS A 117 -6.67 -7.20 -19.71
CA LYS A 117 -6.52 -8.43 -20.47
C LYS A 117 -5.34 -9.25 -19.98
N PRO A 118 -5.50 -10.54 -19.66
CA PRO A 118 -4.36 -11.36 -19.25
C PRO A 118 -3.39 -11.55 -20.40
N GLY A 119 -2.15 -11.78 -19.96
CA GLY A 119 -1.02 -11.96 -20.85
C GLY A 119 0.27 -11.57 -20.20
N LYS A 120 1.32 -11.55 -21.01
CA LYS A 120 2.64 -11.25 -20.50
C LYS A 120 2.79 -9.79 -20.11
N GLU A 121 2.10 -8.97 -20.86
CA GLU A 121 2.24 -7.54 -20.69
C GLU A 121 1.45 -7.05 -19.44
N PHE A 122 1.88 -6.26 -18.48
CA PHE A 122 1.29 -5.75 -17.30
C PHE A 122 0.32 -4.63 -17.72
N PHE A 123 0.64 -3.98 -18.84
CA PHE A 123 -0.26 -2.97 -19.38
C PHE A 123 -0.50 -3.25 -20.85
N PRO A 124 -1.44 -4.15 -21.10
CA PRO A 124 -1.70 -4.53 -22.50
C PRO A 124 -2.33 -3.36 -23.22
N LEU A 125 -1.77 -3.02 -24.40
CA LEU A 125 -2.29 -1.91 -25.15
C LEU A 125 -2.93 -2.34 -26.46
N ASP A 126 -3.95 -1.58 -26.84
CA ASP A 126 -4.49 -1.70 -28.20
C ASP A 126 -3.61 -0.88 -29.13
N GLU A 127 -3.85 -1.00 -30.42
CA GLU A 127 -3.00 -0.31 -31.38
C GLU A 127 -3.10 1.20 -31.24
N SER A 128 -3.99 1.77 -30.46
CA SER A 128 -3.99 3.23 -30.32
C SER A 128 -3.43 3.64 -28.96
N GLY A 129 -2.96 2.65 -28.19
CA GLY A 129 -2.30 2.99 -26.93
C GLY A 129 -3.17 2.92 -25.69
N ASN A 130 -4.47 2.61 -25.83
CA ASN A 130 -5.38 2.46 -24.72
C ASN A 130 -5.13 1.10 -24.04
N VAL A 131 -5.27 1.01 -22.72
CA VAL A 131 -5.13 -0.24 -21.99
C VAL A 131 -6.34 -1.12 -22.35
N VAL A 132 -6.12 -2.40 -22.58
CA VAL A 132 -7.18 -3.34 -22.88
C VAL A 132 -7.78 -3.90 -21.60
N PRO A 133 -9.06 -3.60 -21.32
CA PRO A 133 -9.72 -4.16 -20.11
C PRO A 133 -10.05 -5.65 -20.18
N SER A 134 -10.30 -6.24 -19.03
CA SER A 134 -10.90 -7.51 -18.73
C SER A 134 -12.38 -7.35 -18.48
N ASP A 135 -13.22 -8.29 -18.89
CA ASP A 135 -14.65 -8.31 -18.60
C ASP A 135 -14.97 -8.96 -17.26
N THR A 136 -13.96 -9.26 -16.46
N THR A 136 -13.91 -9.18 -16.51
CA THR A 136 -14.21 -9.81 -15.13
CA THR A 136 -14.09 -9.56 -15.12
C THR A 136 -14.42 -8.74 -14.07
C THR A 136 -14.67 -8.40 -14.32
N ASN A 137 -15.59 -8.77 -13.42
CA ASN A 137 -16.01 -7.69 -12.51
C ASN A 137 -15.39 -7.92 -11.15
N ILE A 138 -15.29 -6.80 -10.46
CA ILE A 138 -14.55 -6.93 -9.21
C ILE A 138 -15.26 -7.78 -8.18
N LEU A 139 -16.58 -7.94 -8.25
CA LEU A 139 -17.24 -8.87 -7.32
C LEU A 139 -16.74 -10.29 -7.56
N ASP A 140 -16.49 -10.67 -8.82
CA ASP A 140 -15.99 -12.03 -9.09
C ASP A 140 -14.53 -12.16 -8.67
N THR A 141 -13.74 -11.10 -8.90
CA THR A 141 -12.38 -11.14 -8.37
C THR A 141 -12.36 -11.29 -6.86
N TRP A 142 -13.26 -10.58 -6.18
CA TRP A 142 -13.32 -10.67 -4.72
C TRP A 142 -13.66 -12.08 -4.28
N ALA A 143 -14.61 -12.75 -4.95
CA ALA A 143 -14.91 -14.12 -4.56
C ALA A 143 -13.66 -14.98 -4.64
N ALA A 144 -12.85 -14.72 -5.67
CA ALA A 144 -11.62 -15.49 -5.84
C ALA A 144 -10.60 -15.20 -4.74
N MET A 145 -10.55 -13.95 -4.31
CA MET A 145 -9.73 -13.55 -3.17
C MET A 145 -10.22 -14.25 -1.91
N GLU A 146 -11.53 -14.34 -1.70
CA GLU A 146 -12.04 -15.05 -0.53
C GLU A 146 -11.59 -16.51 -0.53
N GLU A 147 -11.48 -17.13 -1.71
CA GLU A 147 -11.06 -18.54 -1.75
C GLU A 147 -9.64 -18.69 -1.19
N LEU A 148 -8.80 -17.66 -1.40
CA LEU A 148 -7.42 -17.74 -0.89
C LEU A 148 -7.39 -17.84 0.62
N VAL A 149 -8.29 -17.13 1.31
CA VAL A 149 -8.38 -17.17 2.76
C VAL A 149 -8.72 -18.60 3.15
N ASP A 150 -9.74 -19.12 2.49
CA ASP A 150 -10.19 -20.48 2.80
C ASP A 150 -9.23 -21.57 2.42
N GLU A 151 -8.26 -21.34 1.55
CA GLU A 151 -7.25 -22.34 1.22
C GLU A 151 -6.00 -22.16 2.04
N GLY A 152 -5.96 -21.11 2.88
CA GLY A 152 -4.83 -20.93 3.77
C GLY A 152 -3.66 -20.20 3.16
N LEU A 153 -3.79 -19.64 1.95
CA LEU A 153 -2.67 -18.95 1.33
C LEU A 153 -2.49 -17.53 1.88
N VAL A 154 -3.56 -16.91 2.34
CA VAL A 154 -3.53 -15.56 2.86
C VAL A 154 -4.35 -15.48 4.15
N LYS A 155 -3.92 -14.63 5.10
CA LYS A 155 -4.68 -14.50 6.33
C LYS A 155 -5.76 -13.41 6.22
N ALA A 156 -5.55 -12.43 5.34
CA ALA A 156 -6.46 -11.34 5.18
C ALA A 156 -6.47 -10.91 3.72
N ILE A 157 -7.60 -10.39 3.28
CA ILE A 157 -7.69 -9.82 1.95
C ILE A 157 -8.17 -8.37 2.02
N GLY A 158 -7.74 -7.58 1.06
CA GLY A 158 -8.15 -6.20 0.92
C GLY A 158 -8.08 -5.65 -0.48
N ILE A 159 -8.19 -4.33 -0.55
CA ILE A 159 -8.27 -3.62 -1.82
C ILE A 159 -7.33 -2.43 -1.80
N SER A 160 -7.10 -1.86 -2.97
CA SER A 160 -6.20 -0.70 -3.06
C SER A 160 -6.66 0.18 -4.23
N ASN A 161 -6.66 1.49 -4.03
CA ASN A 161 -7.10 2.45 -5.03
C ASN A 161 -8.57 2.28 -5.40
N PHE A 162 -9.38 1.79 -4.46
CA PHE A 162 -10.83 1.75 -4.61
C PHE A 162 -11.41 3.04 -4.03
N ASN A 163 -12.31 3.60 -4.83
CA ASN A 163 -13.05 4.77 -4.40
C ASN A 163 -14.26 4.36 -3.55
N HIS A 164 -14.98 5.35 -3.02
CA HIS A 164 -16.08 4.97 -2.11
C HIS A 164 -17.12 4.07 -2.76
N LEU A 165 -17.50 4.34 -4.00
CA LEU A 165 -18.52 3.54 -4.67
C LEU A 165 -18.04 2.11 -4.87
N GLN A 166 -16.75 1.98 -5.15
CA GLN A 166 -16.18 0.65 -5.33
C GLN A 166 -16.06 -0.09 -4.03
N VAL A 167 -15.69 0.59 -2.94
CA VAL A 167 -15.70 -0.08 -1.65
C VAL A 167 -17.11 -0.55 -1.35
N GLU A 168 -18.04 0.36 -1.56
CA GLU A 168 -19.45 0.04 -1.30
C GLU A 168 -19.91 -1.17 -2.09
N MET A 169 -19.46 -1.29 -3.33
CA MET A 169 -19.87 -2.43 -4.14
C MET A 169 -19.42 -3.74 -3.49
N ILE A 170 -18.22 -3.77 -2.91
CA ILE A 170 -17.82 -5.02 -2.27
C ILE A 170 -18.61 -5.23 -1.00
N LEU A 171 -18.86 -4.19 -0.21
CA LEU A 171 -19.57 -4.36 1.05
C LEU A 171 -21.01 -4.85 0.86
N ASN A 172 -21.52 -4.50 -0.33
CA ASN A 172 -22.84 -4.89 -0.79
C ASN A 172 -22.85 -6.12 -1.68
N LYS A 173 -21.74 -6.80 -1.86
CA LYS A 173 -21.71 -7.98 -2.72
C LYS A 173 -22.66 -9.05 -2.17
N PRO A 174 -23.52 -9.58 -3.03
CA PRO A 174 -24.38 -10.66 -2.56
C PRO A 174 -23.50 -11.83 -2.12
N GLY A 175 -23.79 -12.35 -0.93
CA GLY A 175 -23.09 -13.50 -0.36
C GLY A 175 -21.66 -13.21 0.09
N LEU A 176 -21.35 -11.94 0.29
CA LEU A 176 -20.05 -11.55 0.82
C LEU A 176 -19.63 -12.40 2.01
N LYS A 177 -18.42 -12.97 1.97
CA LYS A 177 -17.95 -13.92 2.98
C LYS A 177 -16.91 -13.24 3.88
N TYR A 178 -15.92 -12.59 3.31
CA TYR A 178 -14.95 -11.78 4.08
C TYR A 178 -15.01 -10.35 3.62
N LYS A 179 -15.20 -9.43 4.53
CA LYS A 179 -15.06 -8.01 4.23
C LYS A 179 -13.60 -7.64 3.96
N PRO A 180 -13.37 -6.64 3.11
CA PRO A 180 -12.00 -6.15 2.94
C PRO A 180 -11.43 -5.68 4.29
N ALA A 181 -10.19 -6.08 4.58
CA ALA A 181 -9.54 -5.64 5.82
C ALA A 181 -8.92 -4.27 5.74
N VAL A 182 -8.44 -3.92 4.56
CA VAL A 182 -7.67 -2.73 4.31
C VAL A 182 -8.08 -2.18 2.95
N ASN A 183 -8.02 -0.86 2.85
CA ASN A 183 -7.97 -0.15 1.61
C ASN A 183 -6.70 0.73 1.61
N GLN A 184 -5.77 0.40 0.72
CA GLN A 184 -4.53 1.11 0.59
C GLN A 184 -4.64 2.18 -0.49
N ILE A 185 -4.46 3.44 -0.09
CA ILE A 185 -4.69 4.57 -0.96
C ILE A 185 -3.60 5.61 -0.79
N GLU A 186 -3.42 6.46 -1.78
CA GLU A 186 -2.49 7.59 -1.69
C GLU A 186 -2.95 8.54 -0.58
N CYS A 187 -2.05 8.97 0.32
CA CYS A 187 -2.47 9.92 1.33
C CYS A 187 -1.27 10.65 1.88
N HIS A 188 -1.37 11.97 1.90
CA HIS A 188 -0.29 12.84 2.34
C HIS A 188 -0.85 14.25 2.50
N PRO A 189 -0.16 15.22 3.09
CA PRO A 189 -0.77 16.53 3.30
C PRO A 189 -1.33 17.27 2.10
N TYR A 190 -0.91 17.00 0.89
CA TYR A 190 -1.46 17.52 -0.36
C TYR A 190 -2.65 16.70 -0.91
N LEU A 191 -2.97 15.53 -0.36
CA LEU A 191 -4.05 14.64 -0.79
C LEU A 191 -4.51 13.93 0.48
N THR A 192 -5.30 14.66 1.28
CA THR A 192 -5.57 14.18 2.64
C THR A 192 -6.67 13.15 2.74
N GLN A 193 -7.52 13.05 1.73
CA GLN A 193 -8.51 11.99 1.64
C GLN A 193 -9.49 11.91 2.80
N GLU A 194 -9.90 13.01 3.40
CA GLU A 194 -10.80 12.96 4.53
C GLU A 194 -12.10 12.20 4.24
N LYS A 195 -12.78 12.42 3.12
CA LYS A 195 -14.03 11.70 2.86
C LYS A 195 -13.86 10.18 2.78
N LEU A 196 -12.89 9.75 1.99
CA LEU A 196 -12.76 8.31 1.79
C LEU A 196 -12.26 7.63 3.06
N ILE A 197 -11.32 8.23 3.78
CA ILE A 197 -10.88 7.62 5.04
C ILE A 197 -12.03 7.54 6.03
N GLN A 198 -12.82 8.61 6.21
CA GLN A 198 -13.90 8.53 7.20
C GLN A 198 -14.87 7.42 6.82
N TYR A 199 -15.17 7.27 5.53
CA TYR A 199 -16.04 6.19 5.11
C TYR A 199 -15.47 4.81 5.43
N CYS A 200 -14.23 4.60 4.98
CA CYS A 200 -13.66 3.25 5.23
C CYS A 200 -13.60 2.94 6.72
N GLN A 201 -13.11 3.87 7.55
CA GLN A 201 -13.00 3.61 8.97
C GLN A 201 -14.35 3.34 9.62
N SER A 202 -15.38 4.03 9.14
CA SER A 202 -16.74 3.88 9.62
C SER A 202 -17.29 2.48 9.34
N LYS A 203 -16.72 1.85 8.32
CA LYS A 203 -17.05 0.47 8.01
C LYS A 203 -16.08 -0.57 8.59
N GLY A 204 -15.13 -0.16 9.42
CA GLY A 204 -14.12 -0.98 10.03
C GLY A 204 -13.04 -1.49 9.10
N ILE A 205 -12.86 -0.84 7.96
CA ILE A 205 -11.76 -1.08 7.04
C ILE A 205 -10.60 -0.15 7.39
N VAL A 206 -9.44 -0.73 7.64
CA VAL A 206 -8.25 0.05 7.95
C VAL A 206 -7.67 0.61 6.66
N VAL A 207 -7.28 1.88 6.71
CA VAL A 207 -6.66 2.57 5.60
C VAL A 207 -5.14 2.58 5.79
N THR A 208 -4.43 2.20 4.74
CA THR A 208 -3.00 2.34 4.61
C THR A 208 -2.70 3.48 3.66
N ALA A 209 -1.85 4.38 4.14
CA ALA A 209 -1.42 5.53 3.36
C ALA A 209 -0.14 5.21 2.60
N TYR A 210 -0.29 5.29 1.27
CA TYR A 210 0.88 5.15 0.41
C TYR A 210 1.43 6.49 -0.06
N SER A 211 2.65 6.46 -0.62
CA SER A 211 3.37 7.67 -1.01
C SER A 211 3.26 8.78 0.01
N PRO A 212 3.54 8.49 1.29
CA PRO A 212 3.35 9.51 2.32
C PRO A 212 4.34 10.66 2.22
N LEU A 213 5.44 10.47 1.52
CA LEU A 213 6.40 11.52 1.23
C LEU A 213 6.17 12.16 -0.12
N GLY A 214 5.10 11.77 -0.83
CA GLY A 214 4.88 12.34 -2.18
C GLY A 214 5.66 11.66 -3.26
N SER A 215 6.26 10.49 -3.02
CA SER A 215 6.96 9.72 -4.03
C SER A 215 7.92 10.53 -4.87
N PRO A 216 8.89 11.20 -4.24
CA PRO A 216 9.80 11.99 -5.06
C PRO A 216 10.62 11.17 -6.05
N ASP A 217 10.75 9.86 -6.02
CA ASP A 217 11.48 9.16 -7.11
C ASP A 217 10.55 8.68 -8.22
N ARG A 218 9.29 9.13 -8.22
CA ARG A 218 8.42 8.67 -9.30
C ARG A 218 8.98 9.17 -10.62
N PRO A 219 8.72 8.47 -11.72
CA PRO A 219 9.20 8.89 -13.02
C PRO A 219 8.77 10.33 -13.30
N TRP A 220 9.72 11.10 -13.84
CA TRP A 220 9.38 12.41 -14.36
C TRP A 220 9.07 13.46 -13.30
N ALA A 221 9.23 13.15 -12.02
CA ALA A 221 9.04 14.17 -10.99
C ALA A 221 9.88 15.41 -11.26
N LYS A 222 9.24 16.57 -11.13
CA LYS A 222 9.92 17.84 -11.38
C LYS A 222 10.10 18.63 -10.08
N PRO A 223 11.21 19.35 -10.00
CA PRO A 223 11.53 20.11 -8.79
C PRO A 223 10.45 21.16 -8.54
N GLU A 224 9.96 21.68 -9.65
CA GLU A 224 8.91 22.67 -9.71
C GLU A 224 7.57 22.08 -9.31
N ASP A 225 7.41 20.76 -9.28
CA ASP A 225 6.18 20.17 -8.76
C ASP A 225 6.12 20.33 -7.24
N PRO A 226 4.93 20.30 -6.65
CA PRO A 226 4.77 20.28 -5.20
C PRO A 226 5.74 19.27 -4.61
N SER A 227 6.41 19.69 -3.54
CA SER A 227 7.36 18.82 -2.83
C SER A 227 7.15 18.88 -1.33
N LEU A 228 6.51 17.82 -0.80
CA LEU A 228 6.31 17.79 0.64
C LEU A 228 7.58 17.89 1.45
N LEU A 229 8.63 17.22 0.99
CA LEU A 229 9.84 17.17 1.76
C LEU A 229 10.51 18.52 1.85
N GLU A 230 10.20 19.41 0.95
CA GLU A 230 10.85 20.70 0.87
C GLU A 230 9.90 21.83 1.25
N ASP A 231 8.68 21.49 1.66
CA ASP A 231 7.70 22.53 2.02
C ASP A 231 8.14 23.23 3.29
N PRO A 232 8.36 24.55 3.28
CA PRO A 232 8.94 25.19 4.46
C PRO A 232 8.01 25.15 5.65
N ARG A 233 6.71 25.04 5.38
CA ARG A 233 5.77 24.96 6.49
C ARG A 233 5.91 23.65 7.23
N ILE A 234 6.16 22.58 6.49
CA ILE A 234 6.32 21.25 7.11
C ILE A 234 7.68 21.18 7.75
N LYS A 235 8.69 21.79 7.12
CA LYS A 235 9.99 21.84 7.77
C LYS A 235 9.91 22.52 9.14
N ALA A 236 9.06 23.51 9.21
CA ALA A 236 8.92 24.31 10.42
C ALA A 236 8.33 23.47 11.52
N ILE A 237 7.31 22.69 11.23
CA ILE A 237 6.78 21.76 12.24
C ILE A 237 7.82 20.78 12.69
N ALA A 238 8.57 20.24 11.74
CA ALA A 238 9.61 19.28 12.04
C ALA A 238 10.61 19.88 13.01
N ALA A 239 11.02 21.11 12.71
CA ALA A 239 12.11 21.66 13.52
C ALA A 239 11.65 21.90 14.96
N LYS A 240 10.39 22.28 15.07
CA LYS A 240 9.75 22.58 16.33
C LYS A 240 9.81 21.34 17.22
N HIS A 241 9.65 20.20 16.54
CA HIS A 241 9.76 18.93 17.26
C HIS A 241 11.16 18.33 17.24
N ASN A 242 12.19 18.94 16.66
CA ASN A 242 13.50 18.29 16.58
C ASN A 242 13.46 16.96 15.83
N LYS A 243 12.69 16.95 14.75
CA LYS A 243 12.51 15.73 13.94
C LYS A 243 12.77 16.08 12.49
N THR A 244 12.95 15.13 11.57
CA THR A 244 13.07 15.52 10.18
C THR A 244 11.67 15.67 9.56
N THR A 245 11.64 16.34 8.40
CA THR A 245 10.39 16.53 7.67
C THR A 245 9.81 15.17 7.34
N ALA A 246 10.64 14.21 6.96
CA ALA A 246 10.09 12.87 6.65
C ALA A 246 9.42 12.24 7.87
N GLN A 247 9.91 12.37 9.08
CA GLN A 247 9.44 11.84 10.32
C GLN A 247 8.10 12.50 10.60
N VAL A 248 7.99 13.80 10.34
CA VAL A 248 6.68 14.43 10.50
C VAL A 248 5.69 13.82 9.53
N LEU A 249 6.09 13.63 8.26
CA LEU A 249 5.20 13.14 7.22
C LEU A 249 4.76 11.71 7.50
N ILE A 250 5.58 10.93 8.19
CA ILE A 250 5.27 9.57 8.57
C ILE A 250 4.43 9.56 9.85
N ARG A 251 4.69 10.43 10.80
CA ARG A 251 3.88 10.45 12.01
C ARG A 251 2.46 10.93 11.75
N PHE A 252 2.30 11.84 10.81
CA PHE A 252 0.99 12.45 10.46
C PHE A 252 -0.07 11.38 10.23
N PRO A 253 0.07 10.44 9.31
CA PRO A 253 -0.97 9.43 9.14
C PRO A 253 -1.12 8.48 10.32
N MET A 254 -0.03 8.21 11.04
CA MET A 254 -0.13 7.37 12.22
C MET A 254 -1.11 7.99 13.19
N GLN A 255 -1.11 9.32 13.29
CA GLN A 255 -2.03 9.95 14.27
C GLN A 255 -3.45 10.06 13.76
N ARG A 256 -3.73 9.68 12.53
CA ARG A 256 -5.07 9.61 11.96
C ARG A 256 -5.59 8.18 12.02
N ASN A 257 -4.93 7.30 12.77
N ASN A 257 -4.90 7.31 12.75
CA ASN A 257 -5.22 5.86 12.86
CA ASN A 257 -5.23 5.88 12.82
C ASN A 257 -5.06 5.14 11.52
C ASN A 257 -5.16 5.23 11.44
N LEU A 258 -4.11 5.60 10.74
CA LEU A 258 -3.74 4.95 9.49
C LEU A 258 -2.45 4.14 9.69
N VAL A 259 -2.31 3.19 8.77
CA VAL A 259 -1.04 2.51 8.51
C VAL A 259 -0.29 3.33 7.46
N VAL A 260 1.02 3.35 7.54
CA VAL A 260 1.83 4.09 6.59
C VAL A 260 3.07 3.31 6.16
N ILE A 261 3.39 3.39 4.88
CA ILE A 261 4.42 2.55 4.28
C ILE A 261 5.43 3.34 3.45
N PRO A 262 6.27 4.18 4.06
CA PRO A 262 7.28 4.93 3.34
C PRO A 262 8.31 3.95 2.72
N LYS A 263 8.71 4.24 1.49
CA LYS A 263 9.76 3.49 0.79
C LYS A 263 11.12 4.13 0.96
N SER A 264 12.15 3.30 1.22
CA SER A 264 13.53 3.74 1.10
C SER A 264 14.42 2.51 0.82
N VAL A 265 15.49 2.74 0.11
CA VAL A 265 16.56 1.77 -0.05
C VAL A 265 17.85 2.30 0.55
N THR A 266 17.79 3.43 1.22
CA THR A 266 18.95 4.04 1.84
C THR A 266 19.02 3.63 3.30
N PRO A 267 19.99 2.87 3.77
CA PRO A 267 19.99 2.43 5.19
C PRO A 267 19.77 3.55 6.19
N GLU A 268 20.39 4.70 6.04
CA GLU A 268 20.18 5.72 7.09
C GLU A 268 18.75 6.23 7.13
N ARG A 269 18.11 6.28 5.95
CA ARG A 269 16.73 6.74 5.87
C ARG A 269 15.76 5.66 6.37
N ILE A 270 16.00 4.41 6.02
CA ILE A 270 15.20 3.33 6.59
C ILE A 270 15.18 3.45 8.10
N ALA A 271 16.35 3.63 8.70
CA ALA A 271 16.44 3.79 10.15
C ALA A 271 15.76 5.06 10.63
N GLU A 272 15.97 6.20 9.97
CA GLU A 272 15.39 7.49 10.38
C GLU A 272 13.86 7.43 10.42
N ASN A 273 13.31 6.80 9.38
CA ASN A 273 11.91 6.68 9.08
C ASN A 273 11.18 5.85 10.15
N PHE A 274 11.92 4.99 10.84
CA PHE A 274 11.35 4.18 11.92
C PHE A 274 11.30 4.91 13.26
N LYS A 275 12.05 5.97 13.40
CA LYS A 275 12.15 6.76 14.62
C LYS A 275 11.00 7.75 14.72
N VAL A 276 9.77 7.24 14.74
CA VAL A 276 8.56 8.03 14.74
C VAL A 276 7.61 7.65 15.88
N PHE A 277 8.11 6.94 16.86
CA PHE A 277 7.24 6.57 17.97
C PHE A 277 7.60 7.31 19.23
N ASP A 278 8.46 8.30 19.12
CA ASP A 278 8.85 9.02 20.34
C ASP A 278 8.43 10.47 20.42
N PHE A 279 7.46 10.90 19.63
CA PHE A 279 6.99 12.28 19.65
C PHE A 279 5.54 12.27 19.23
N GLU A 280 4.88 13.36 19.56
CA GLU A 280 3.47 13.57 19.24
C GLU A 280 3.24 14.90 18.55
N LEU A 281 2.60 14.91 17.37
CA LEU A 281 2.09 16.13 16.77
C LEU A 281 0.86 16.60 17.52
N SER A 282 0.71 17.91 17.72
CA SER A 282 -0.44 18.40 18.46
C SER A 282 -1.68 18.36 17.60
N SER A 283 -2.86 18.52 18.19
CA SER A 283 -4.05 18.61 17.36
C SER A 283 -3.94 19.76 16.38
N GLN A 284 -3.37 20.86 16.79
CA GLN A 284 -3.19 22.00 15.89
C GLN A 284 -2.19 21.70 14.79
N ASP A 285 -1.12 20.96 15.09
CA ASP A 285 -0.16 20.54 14.06
C ASP A 285 -0.94 19.70 13.03
N MET A 286 -1.79 18.80 13.52
CA MET A 286 -2.53 17.91 12.63
C MET A 286 -3.50 18.70 11.74
N THR A 287 -4.24 19.59 12.37
CA THR A 287 -5.18 20.39 11.55
C THR A 287 -4.45 21.25 10.54
N THR A 288 -3.30 21.81 10.93
CA THR A 288 -2.46 22.58 9.99
C THR A 288 -1.98 21.72 8.86
N LEU A 289 -1.46 20.52 9.14
CA LEU A 289 -1.05 19.67 8.01
C LEU A 289 -2.20 19.30 7.11
N LEU A 290 -3.40 19.07 7.66
CA LEU A 290 -4.55 18.73 6.83
C LEU A 290 -4.94 19.89 5.93
N SER A 291 -4.59 21.11 6.36
CA SER A 291 -5.01 22.27 5.59
C SER A 291 -4.23 22.47 4.30
N TYR A 292 -3.15 21.71 4.16
CA TYR A 292 -2.32 21.82 2.97
C TYR A 292 -2.91 21.02 1.82
N ASN A 293 -4.03 20.34 2.05
CA ASN A 293 -4.67 19.59 0.98
C ASN A 293 -4.89 20.43 -0.28
N ARG A 294 -4.52 19.83 -1.42
CA ARG A 294 -4.75 20.45 -2.72
C ARG A 294 -5.30 19.46 -3.74
N ASN A 295 -5.69 18.29 -3.28
CA ASN A 295 -6.11 17.21 -4.15
C ASN A 295 -5.07 16.86 -5.21
N TRP A 296 -3.80 16.83 -4.84
CA TRP A 296 -2.70 16.54 -5.73
C TRP A 296 -2.33 15.06 -5.66
N ARG A 297 -2.51 14.36 -6.77
CA ARG A 297 -2.27 12.93 -6.84
C ARG A 297 -1.02 12.64 -7.65
N VAL A 298 -0.12 11.88 -7.03
CA VAL A 298 1.10 11.49 -7.73
C VAL A 298 0.91 10.16 -8.46
N CYS A 299 -0.06 9.37 -8.02
CA CYS A 299 -0.31 8.04 -8.62
C CYS A 299 -1.72 7.94 -9.17
N ALA A 300 -1.95 8.46 -10.36
CA ALA A 300 -3.30 8.59 -10.88
C ALA A 300 -3.63 7.60 -11.99
N LEU A 301 -2.77 6.67 -12.36
CA LEU A 301 -3.06 5.72 -13.42
C LEU A 301 -3.65 6.34 -14.68
N LEU A 302 -3.05 7.43 -15.13
CA LEU A 302 -3.57 8.28 -16.19
C LEU A 302 -3.73 7.57 -17.51
N SER A 303 -2.83 6.63 -17.73
CA SER A 303 -2.98 5.81 -18.93
C SER A 303 -4.29 5.04 -18.93
N CYS A 304 -5.02 4.90 -17.83
CA CYS A 304 -6.22 4.08 -17.79
C CYS A 304 -7.51 4.85 -17.51
N THR A 305 -7.57 6.14 -17.81
CA THR A 305 -8.76 6.93 -17.44
C THR A 305 -9.99 6.57 -18.21
N SER A 306 -9.84 5.77 -19.28
CA SER A 306 -11.03 5.45 -20.07
C SER A 306 -11.60 4.13 -19.60
N HIS A 307 -10.87 3.51 -18.68
CA HIS A 307 -11.33 2.21 -18.19
C HIS A 307 -12.57 2.32 -17.32
N LYS A 308 -13.51 1.39 -17.48
CA LYS A 308 -14.79 1.32 -16.80
C LYS A 308 -14.72 1.65 -15.31
N ASP A 309 -13.89 1.02 -14.52
CA ASP A 309 -13.57 1.04 -13.14
C ASP A 309 -12.39 1.95 -12.78
N TYR A 310 -12.01 2.86 -13.68
CA TYR A 310 -11.04 3.88 -13.28
C TYR A 310 -11.57 4.56 -12.02
N PRO A 311 -10.79 4.54 -10.95
CA PRO A 311 -11.35 4.99 -9.67
C PRO A 311 -11.39 6.47 -9.39
N PHE A 312 -10.65 7.32 -10.10
CA PHE A 312 -10.48 8.69 -9.68
C PHE A 312 -11.30 9.68 -10.49
N HIS A 313 -12.43 9.29 -11.08
CA HIS A 313 -13.35 10.26 -11.66
C HIS A 313 -14.36 10.72 -10.61
N GLU A 314 -14.68 9.81 -9.69
CA GLU A 314 -15.47 10.04 -8.49
C GLU A 314 -14.75 11.03 -7.57
N GLU A 315 -15.37 12.08 -7.05
CA GLU A 315 -14.58 12.98 -6.19
C GLU A 315 -13.97 12.26 -4.98
N PHE A 316 -14.56 11.16 -4.52
CA PHE A 316 -13.87 10.27 -3.59
C PHE A 316 -14.44 8.86 -3.70
PA NAP B . 7.26 7.52 -0.75
O1A NAP B . 6.34 8.67 -0.54
O2A NAP B . 7.43 6.48 0.25
O5B NAP B . 8.67 8.17 -1.14
C5B NAP B . 9.75 7.32 -1.43
C4B NAP B . 10.88 8.30 -1.91
O4B NAP B . 11.27 9.04 -0.71
C3B NAP B . 12.16 7.53 -2.36
O3B NAP B . 12.72 8.32 -3.41
C2B NAP B . 13.03 7.62 -1.07
O2B NAP B . 14.42 7.67 -1.44
C1B NAP B . 12.64 8.95 -0.44
N9A NAP B . 12.83 8.93 0.97
C8A NAP B . 12.49 8.01 1.92
N7A NAP B . 12.77 8.34 3.14
C5A NAP B . 13.35 9.60 2.99
C6A NAP B . 13.82 10.40 4.04
N6A NAP B . 13.80 10.09 5.34
N1A NAP B . 14.34 11.59 3.59
C2A NAP B . 14.36 11.89 2.24
N3A NAP B . 13.88 11.12 1.21
C4A NAP B . 13.37 9.94 1.67
O3 NAP B . 6.86 6.93 -2.20
PN NAP B . 6.19 5.60 -2.80
O1N NAP B . 7.29 4.58 -2.99
O2N NAP B . 5.34 5.96 -3.97
O5D NAP B . 5.16 5.08 -1.71
C5D NAP B . 5.52 4.24 -0.58
C4D NAP B . 5.12 2.82 -0.90
O4D NAP B . 3.68 2.66 -1.02
C3D NAP B . 5.61 2.16 -2.23
O3D NAP B . 6.98 1.86 -2.32
C2D NAP B . 4.65 0.97 -2.34
O2D NAP B . 5.14 -0.02 -1.43
C1D NAP B . 3.34 1.50 -1.79
N1N NAP B . 2.44 2.05 -2.88
C2N NAP B . 1.37 1.30 -3.31
C3N NAP B . 0.63 1.83 -4.37
C7N NAP B . -0.59 1.04 -4.88
O7N NAP B . -1.09 1.39 -5.94
N7N NAP B . -1.21 0.41 -3.91
C4N NAP B . 0.93 3.08 -4.97
C5N NAP B . 2.05 3.78 -4.47
C6N NAP B . 2.81 3.30 -3.43
P2B NAP B . 15.44 6.39 -1.30
O1X NAP B . 16.06 6.54 0.12
O2X NAP B . 14.74 5.11 -1.54
O3X NAP B . 16.45 6.80 -2.39
C1 ITB C . 3.27 4.65 -9.39
C10 ITB C . 2.87 3.39 -9.83
C14 ITB C . 2.54 2.95 -11.23
O19 ITB C . 2.54 3.81 -12.11
N15 ITB C . 2.16 1.66 -11.28
C20 ITB C . 2.58 0.92 -12.46
C21 ITB C . 4.03 0.71 -12.78
O23 ITB C . 5.01 1.08 -11.94
O22 ITB C . 4.37 0.19 -13.86
S16 ITB C . 2.21 0.85 -9.96
O18 ITB C . 0.83 0.53 -9.62
O17 ITB C . 3.21 -0.19 -9.94
C9 ITB C . 2.74 2.27 -9.04
C8 ITB C . 3.02 2.32 -7.69
C11 ITB C . 2.90 1.20 -6.71
O13 ITB C . 1.99 0.31 -7.11
O12 ITB C . 3.46 1.02 -5.65
C7 ITB C . 3.43 3.58 -7.32
C6 ITB C . 3.55 4.75 -8.01
C5 ITB C . 3.98 5.93 -7.36
C4 ITB C . 4.10 7.05 -8.18
C3 ITB C . 3.81 6.97 -9.56
C2 ITB C . 3.40 5.78 -10.17
C1 ITB D . 2.47 -9.47 17.35
C10 ITB D . 3.34 -8.50 17.86
C14 ITB D . 4.83 -8.45 17.91
O19 ITB D . 5.50 -9.27 17.26
N15 ITB D . 5.26 -7.29 18.43
C20 ITB D . 6.67 -6.95 18.39
C21 ITB D . 7.04 -6.16 17.19
O23 ITB D . 6.19 -6.17 16.19
O22 ITB D . 8.09 -5.52 17.13
S16 ITB D . 4.22 -6.38 19.03
O18 ITB D . 4.37 -6.38 20.47
O17 ITB D . 4.23 -5.11 18.30
C9 ITB D . 2.86 -7.39 18.55
C8 ITB D . 1.49 -7.21 18.74
C11 ITB D . 0.91 -6.02 19.47
O13 ITB D . 1.71 -5.13 20.03
O12 ITB D . -0.31 -5.91 19.52
C7 ITB D . 0.61 -8.17 18.24
C6 ITB D . 1.10 -9.29 17.57
C5 ITB D . 0.18 -10.23 17.08
C4 ITB D . 0.67 -11.33 16.40
C3 ITB D . 2.04 -11.50 16.20
C2 ITB D . 2.97 -10.58 16.68
C1 ITB E . 1.87 -11.12 20.60
C10 ITB E . 2.45 -12.18 19.88
C14 ITB E . 1.84 -13.38 19.23
O19 ITB E . 0.65 -13.67 19.37
N15 ITB E . 2.76 -14.19 18.67
C20 ITB E . 2.26 -15.34 17.96
C21 ITB E . 1.54 -14.92 16.72
O23 ITB E . 0.51 -14.08 16.86
O22 ITB E . 1.82 -15.30 15.59
S16 ITB E . 4.19 -13.68 18.68
O18 ITB E . 5.05 -14.53 19.51
O17 ITB E . 4.59 -13.33 17.33
C9 ITB E . 3.81 -12.22 19.61
C8 ITB E . 4.65 -11.18 20.03
C11 ITB E . 6.14 -11.17 19.76
O13 ITB E . 6.75 -12.23 19.23
O12 ITB E . 6.80 -10.16 20.04
C7 ITB E . 4.09 -10.12 20.75
C6 ITB E . 2.71 -10.09 21.04
C5 ITB E . 2.17 -9.02 21.75
C4 ITB E . 0.81 -8.98 22.03
C3 ITB E . -0.02 -10.02 21.60
C2 ITB E . 0.51 -11.09 20.88
#